data_3U6D
#
_entry.id   3U6D
#
_cell.length_a   45.188
_cell.length_b   93.541
_cell.length_c   104.650
_cell.angle_alpha   90.00
_cell.angle_beta   90.00
_cell.angle_gamma   90.00
#
_symmetry.space_group_name_H-M   'P 21 21 21'
#
loop_
_entity.id
_entity.type
_entity.pdbx_description
1 polymer 'Formamidopyrimidine-DNA glycosylase'
2 polymer "DNA (5'-D(*A*GP*GP*TP*AP*GP*AP*TP*CP*CP*CP*GP*AP*CP*GP*C)-3')"
3 polymer "DNA (5'-D(*TP*GP*CP*GP*TP*CP*GP*(8OG)P*GP*AP*(TX)P*CP*TP*AP*CP*C)-3')"
4 non-polymer 'ZINC ION'
5 water water
#
loop_
_entity_poly.entity_id
_entity_poly.type
_entity_poly.pdbx_seq_one_letter_code
_entity_poly.pdbx_strand_id
1 'polypeptide(L)'
;PQLPEVETIRRTLLPLIVGKTIEDVRIFWPNIIRHPRDSEAFAARMIGQTVRGLERRGKFLKFLLDRDALISHLRMEGRY
AVASALEPLEPHTHVVFCFTDGSELRYRDVRKFGTMHVYAKEEADRRPPLAELGPEPLSPAFSPAVLAERAVKTKRSVKA
LLLDCTVVAGFGNIYVDESLFRAGILPGRPAASLSSKEIERLHEEMVATIGEAVMKGGSTPRTYVNTQGEAGTFQHHLYV
YGRQGNPCKRCGTPIEKTVVAGRGTHYCPRCQR
;
A
2 'polydeoxyribonucleotide' (DA)(DG)(DG)(DT)(DA)(DG)(DA)(DT)(DC)(DC)(DC)(DG)(DA)(DC)(DG)(DC) B
3 'polydeoxyribonucleotide' (DT)(DG)(DC)(DG)(DT)(DC)(DG)(8OG)(DG)(DA)(08Q)(DC)(DT)(DA)(DC)(DC) C
#
loop_
_chem_comp.id
_chem_comp.type
_chem_comp.name
_chem_comp.formula
08Q non-polymer 5'-O-{(S)-hydroxy[(2-sulfanylethyl)amino]phosphoryl}thymidine 'C12 H20 N3 O7 P S'
8OG DNA linking 8-OXO-2'-DEOXY-GUANOSINE-5'-MONOPHOSPHATE 'C10 H14 N5 O8 P'
DA DNA linking 2'-DEOXYADENOSINE-5'-MONOPHOSPHATE 'C10 H14 N5 O6 P'
DC DNA linking 2'-DEOXYCYTIDINE-5'-MONOPHOSPHATE 'C9 H14 N3 O7 P'
DG DNA linking 2'-DEOXYGUANOSINE-5'-MONOPHOSPHATE 'C10 H14 N5 O7 P'
DT DNA linking THYMIDINE-5'-MONOPHOSPHATE 'C10 H15 N2 O8 P'
ZN non-polymer 'ZINC ION' 'Zn 2'
#
# COMPACT_ATOMS: atom_id res chain seq x y z
N PRO A 1 -1.04 6.78 -2.61
CA PRO A 1 0.25 6.80 -1.89
C PRO A 1 0.89 5.40 -1.81
N GLN A 2 2.21 5.36 -1.89
CA GLN A 2 2.94 4.09 -1.80
C GLN A 2 3.28 3.78 -0.35
N LEU A 3 3.89 2.62 -0.12
CA LEU A 3 4.14 2.14 1.23
C LEU A 3 4.85 3.17 2.12
N PRO A 4 5.92 3.80 1.61
CA PRO A 4 6.61 4.80 2.44
C PRO A 4 5.69 5.95 2.82
N GLU A 5 4.86 6.41 1.88
CA GLU A 5 3.94 7.50 2.17
C GLU A 5 2.88 7.06 3.18
N VAL A 6 2.44 5.81 3.08
CA VAL A 6 1.44 5.29 4.02
C VAL A 6 2.01 5.23 5.43
N GLU A 7 3.27 4.83 5.53
CA GLU A 7 3.95 4.85 6.82
C GLU A 7 4.02 6.27 7.38
N THR A 8 4.27 7.24 6.50
CA THR A 8 4.30 8.64 6.94
C THR A 8 2.93 9.10 7.42
N ILE A 9 1.89 8.70 6.70
CA ILE A 9 0.53 8.99 7.11
C ILE A 9 0.25 8.37 8.48
N ARG A 10 0.64 7.11 8.65
CA ARG A 10 0.44 6.44 9.91
C ARG A 10 1.07 7.22 11.05
N ARG A 11 2.32 7.63 10.85
CA ARG A 11 3.06 8.33 11.89
C ARG A 11 2.46 9.70 12.21
N THR A 12 2.04 10.42 11.18
CA THR A 12 1.57 11.79 11.36
C THR A 12 0.10 11.86 11.79
N LEU A 13 -0.70 10.92 11.32
CA LEU A 13 -2.13 10.92 11.62
C LEU A 13 -2.43 10.51 13.07
N LEU A 14 -1.64 9.57 13.60
CA LEU A 14 -1.91 9.02 14.93
C LEU A 14 -2.14 10.07 16.02
N PRO A 15 -1.19 11.00 16.21
CA PRO A 15 -1.38 11.96 17.30
C PRO A 15 -2.57 12.90 17.07
N LEU A 16 -3.00 13.03 15.81
CA LEU A 16 -4.14 13.91 15.49
C LEU A 16 -5.50 13.28 15.82
N ILE A 17 -5.52 11.96 16.06
CA ILE A 17 -6.80 11.30 16.33
C ILE A 17 -6.80 10.42 17.57
N VAL A 18 -5.63 10.06 18.08
CA VAL A 18 -5.61 9.17 19.24
C VAL A 18 -6.36 9.77 20.43
N GLY A 19 -7.17 8.95 21.08
CA GLY A 19 -7.92 9.37 22.25
C GLY A 19 -9.23 10.07 21.94
N LYS A 20 -9.52 10.31 20.67
CA LYS A 20 -10.80 10.91 20.30
C LYS A 20 -11.90 9.86 20.19
N THR A 21 -13.12 10.27 20.49
CA THR A 21 -14.27 9.35 20.49
C THR A 21 -15.19 9.67 19.33
N ILE A 22 -15.58 8.63 18.58
CA ILE A 22 -16.46 8.81 17.43
C ILE A 22 -17.90 9.10 17.86
N GLU A 23 -18.45 10.19 17.36
CA GLU A 23 -19.84 10.55 17.67
C GLU A 23 -20.78 10.33 16.50
N ASP A 24 -20.23 10.36 15.28
CA ASP A 24 -21.03 10.12 14.08
C ASP A 24 -20.11 9.61 12.97
N VAL A 25 -20.68 8.91 12.01
CA VAL A 25 -19.94 8.50 10.83
C VAL A 25 -20.84 8.77 9.64
N ARG A 26 -20.37 9.62 8.73
CA ARG A 26 -21.17 10.04 7.60
C ARG A 26 -20.59 9.48 6.31
N ILE A 27 -21.45 8.89 5.50
CA ILE A 27 -20.97 8.21 4.30
C ILE A 27 -21.69 8.74 3.08
N PHE A 28 -20.92 9.25 2.13
CA PHE A 28 -21.47 9.90 0.94
C PHE A 28 -21.28 9.05 -0.30
N TRP A 29 -20.48 8.00 -0.18
CA TRP A 29 -20.34 7.00 -1.23
C TRP A 29 -20.23 5.63 -0.58
N PRO A 30 -21.36 4.93 -0.43
CA PRO A 30 -21.43 3.69 0.35
C PRO A 30 -20.51 2.59 -0.18
N ASN A 31 -20.23 2.61 -1.48
CA ASN A 31 -19.40 1.57 -2.10
C ASN A 31 -17.99 1.47 -1.52
N ILE A 32 -17.52 2.54 -0.89
CA ILE A 32 -16.22 2.52 -0.23
C ILE A 32 -16.24 1.47 0.90
N ILE A 33 -17.37 1.37 1.58
CA ILE A 33 -17.54 0.44 2.69
C ILE A 33 -17.68 -0.98 2.18
N ARG A 34 -16.75 -1.86 2.57
CA ARG A 34 -16.75 -3.23 2.08
C ARG A 34 -17.21 -4.22 3.15
N HIS A 35 -17.00 -3.89 4.42
CA HIS A 35 -17.53 -4.70 5.52
C HIS A 35 -17.68 -3.88 6.80
N PRO A 36 -18.83 -4.02 7.48
CA PRO A 36 -20.03 -4.76 7.08
C PRO A 36 -20.51 -4.31 5.70
N ARG A 37 -21.24 -5.18 5.02
CA ARG A 37 -21.66 -4.88 3.65
C ARG A 37 -22.59 -3.66 3.62
N ASP A 38 -23.40 -3.55 4.67
CA ASP A 38 -24.34 -2.43 4.81
C ASP A 38 -23.63 -1.23 5.45
N SER A 39 -23.55 -0.12 4.73
CA SER A 39 -22.84 1.05 5.23
C SER A 39 -23.47 1.63 6.50
N GLU A 40 -24.76 1.39 6.70
CA GLU A 40 -25.43 1.84 7.91
C GLU A 40 -24.96 1.08 9.15
N ALA A 41 -24.64 -0.19 8.96
CA ALA A 41 -24.11 -1.01 10.05
C ALA A 41 -22.68 -0.57 10.38
N PHE A 42 -21.90 -0.29 9.34
CA PHE A 42 -20.55 0.23 9.47
C PHE A 42 -20.55 1.48 10.34
N ALA A 43 -21.40 2.45 10.00
CA ALA A 43 -21.47 3.70 10.74
C ALA A 43 -21.96 3.46 12.18
N ALA A 44 -23.03 2.69 12.31
CA ALA A 44 -23.63 2.47 13.62
C ALA A 44 -22.63 1.87 14.63
N ARG A 45 -21.83 0.90 14.19
CA ARG A 45 -20.99 0.17 15.14
C ARG A 45 -19.81 0.98 15.64
N MET A 46 -19.36 1.94 14.84
N MET A 46 -19.37 1.93 14.83
CA MET A 46 -18.19 2.73 15.22
CA MET A 46 -18.21 2.76 15.17
C MET A 46 -18.53 3.84 16.22
C MET A 46 -18.55 3.81 16.21
N ILE A 47 -19.79 4.29 16.20
CA ILE A 47 -20.20 5.35 17.12
C ILE A 47 -20.00 4.96 18.58
N GLY A 48 -19.35 5.85 19.33
CA GLY A 48 -19.08 5.59 20.73
C GLY A 48 -17.71 4.99 21.00
N GLN A 49 -17.01 4.56 19.96
CA GLN A 49 -15.68 4.01 20.16
C GLN A 49 -14.59 5.08 20.09
N THR A 50 -13.54 4.88 20.88
CA THR A 50 -12.43 5.82 20.93
C THR A 50 -11.25 5.28 20.13
N VAL A 51 -10.54 6.17 19.44
CA VAL A 51 -9.36 5.74 18.69
C VAL A 51 -8.18 5.46 19.63
N ARG A 52 -7.61 4.27 19.55
CA ARG A 52 -6.56 3.88 20.48
C ARG A 52 -5.18 3.74 19.83
N GLY A 53 -5.16 3.46 18.54
CA GLY A 53 -3.89 3.28 17.85
C GLY A 53 -4.03 3.29 16.34
N LEU A 54 -2.90 3.28 15.65
CA LEU A 54 -2.90 3.29 14.19
C LEU A 54 -1.67 2.54 13.73
N GLU A 55 -1.90 1.43 13.03
CA GLU A 55 -0.81 0.60 12.55
C GLU A 55 -0.86 0.51 11.03
N ARG A 56 0.21 0.01 10.44
CA ARG A 56 0.28 -0.18 9.01
C ARG A 56 0.67 -1.60 8.67
N ARG A 57 -0.02 -2.16 7.69
CA ARG A 57 0.37 -3.44 7.12
CA ARG A 57 0.32 -3.46 7.12
C ARG A 57 0.34 -3.32 5.61
N GLY A 58 1.52 -3.38 4.99
CA GLY A 58 1.63 -3.13 3.58
C GLY A 58 1.21 -1.70 3.32
N LYS A 59 0.26 -1.50 2.40
CA LYS A 59 -0.31 -0.18 2.16
C LYS A 59 -1.63 0.03 2.89
N PHE A 60 -2.02 -0.93 3.72
CA PHE A 60 -3.23 -0.79 4.55
C PHE A 60 -2.96 -0.05 5.85
N LEU A 61 -3.88 0.86 6.22
CA LEU A 61 -3.86 1.45 7.55
C LEU A 61 -4.84 0.68 8.42
N LYS A 62 -4.42 0.35 9.63
CA LYS A 62 -5.31 -0.29 10.59
C LYS A 62 -5.57 0.62 11.79
N PHE A 63 -6.73 1.27 11.79
CA PHE A 63 -7.13 2.09 12.92
C PHE A 63 -7.64 1.18 14.03
N LEU A 64 -7.01 1.27 15.20
CA LEU A 64 -7.45 0.46 16.34
C LEU A 64 -8.37 1.28 17.25
N LEU A 65 -9.59 0.79 17.43
CA LEU A 65 -10.55 1.45 18.30
C LEU A 65 -10.69 0.65 19.60
N ASP A 66 -11.81 0.80 20.29
CA ASP A 66 -12.02 0.09 21.54
C ASP A 66 -12.22 -1.40 21.31
N ARG A 67 -13.22 -1.71 20.49
CA ARG A 67 -13.55 -3.09 20.17
C ARG A 67 -13.15 -3.46 18.75
N ASP A 68 -13.32 -2.50 17.83
CA ASP A 68 -13.13 -2.76 16.40
C ASP A 68 -11.80 -2.27 15.85
N ALA A 69 -11.43 -2.79 14.70
CA ALA A 69 -10.36 -2.23 13.88
C ALA A 69 -10.98 -1.77 12.57
N LEU A 70 -10.56 -0.60 12.10
CA LEU A 70 -10.93 -0.13 10.77
C LEU A 70 -9.73 -0.31 9.84
N ILE A 71 -9.90 -1.11 8.80
CA ILE A 71 -8.85 -1.36 7.83
C ILE A 71 -9.11 -0.54 6.58
N SER A 72 -8.18 0.36 6.24
CA SER A 72 -8.39 1.31 5.16
C SER A 72 -7.27 1.27 4.12
N HIS A 73 -7.65 1.28 2.85
CA HIS A 73 -6.69 1.36 1.75
C HIS A 73 -7.01 2.57 0.88
N LEU A 74 -6.01 3.42 0.64
CA LEU A 74 -6.21 4.66 -0.10
C LEU A 74 -6.04 4.50 -1.61
N ARG A 75 -5.54 3.34 -2.03
CA ARG A 75 -5.16 3.13 -3.42
C ARG A 75 -4.26 4.29 -3.88
N MET A 76 -4.48 4.77 -5.10
CA MET A 76 -3.55 5.74 -5.71
C MET A 76 -3.73 7.17 -5.20
N GLU A 77 -4.96 7.58 -4.98
CA GLU A 77 -5.24 9.01 -4.78
C GLU A 77 -6.02 9.37 -3.50
N GLY A 78 -6.34 8.36 -2.69
CA GLY A 78 -7.03 8.59 -1.44
C GLY A 78 -6.20 9.40 -0.45
N ARG A 79 -6.86 10.17 0.41
CA ARG A 79 -6.16 11.01 1.38
C ARG A 79 -6.98 11.20 2.64
N TYR A 80 -6.32 11.22 3.79
CA TYR A 80 -6.97 11.53 5.06
C TYR A 80 -6.62 12.94 5.51
N ALA A 81 -7.57 13.61 6.15
CA ALA A 81 -7.29 14.91 6.77
C ALA A 81 -8.08 15.02 8.07
N VAL A 82 -7.51 15.71 9.06
CA VAL A 82 -8.23 16.01 10.30
C VAL A 82 -8.54 17.50 10.31
N ALA A 83 -9.81 17.84 10.48
CA ALA A 83 -10.24 19.24 10.39
C ALA A 83 -11.52 19.49 11.17
N SER A 84 -11.92 20.75 11.26
CA SER A 84 -13.07 21.14 12.06
C SER A 84 -14.41 20.83 11.39
N ALA A 85 -15.37 20.35 12.16
CA ALA A 85 -16.71 20.13 11.65
C ALA A 85 -17.39 21.43 11.22
N LEU A 86 -16.82 22.57 11.59
CA LEU A 86 -17.46 23.86 11.29
C LEU A 86 -17.13 24.36 9.89
N GLU A 87 -16.15 23.75 9.25
CA GLU A 87 -15.69 24.20 7.93
C GLU A 87 -16.23 23.32 6.81
N PRO A 88 -16.43 23.90 5.61
CA PRO A 88 -16.93 23.10 4.48
C PRO A 88 -15.96 21.97 4.14
N LEU A 89 -16.52 20.82 3.77
CA LEU A 89 -15.71 19.69 3.34
C LEU A 89 -15.00 19.99 2.02
N GLU A 90 -13.84 19.38 1.82
CA GLU A 90 -13.14 19.49 0.55
C GLU A 90 -13.86 18.66 -0.50
N PRO A 91 -13.61 18.94 -1.79
CA PRO A 91 -14.24 18.16 -2.86
C PRO A 91 -13.90 16.67 -2.75
N HIS A 92 -14.83 15.83 -3.18
CA HIS A 92 -14.61 14.39 -3.26
C HIS A 92 -14.38 13.76 -1.89
N THR A 93 -15.05 14.28 -0.86
CA THR A 93 -15.02 13.68 0.46
C THR A 93 -16.11 12.61 0.58
N HIS A 94 -15.73 11.37 0.82
CA HIS A 94 -16.66 10.25 0.74
C HIS A 94 -17.05 9.66 2.08
N VAL A 95 -16.17 9.77 3.06
CA VAL A 95 -16.47 9.26 4.41
C VAL A 95 -15.90 10.21 5.44
N VAL A 96 -16.70 10.51 6.46
CA VAL A 96 -16.26 11.41 7.53
C VAL A 96 -16.53 10.80 8.90
N PHE A 97 -15.48 10.72 9.71
CA PHE A 97 -15.64 10.28 11.09
C PHE A 97 -15.68 11.52 11.98
N CYS A 98 -16.82 11.73 12.64
CA CYS A 98 -17.00 12.91 13.48
C CYS A 98 -16.67 12.57 14.93
N PHE A 99 -15.78 13.35 15.53
CA PHE A 99 -15.39 13.14 16.92
C PHE A 99 -16.16 14.06 17.88
N THR A 100 -16.25 13.66 19.15
CA THR A 100 -17.01 14.42 20.14
C THR A 100 -16.42 15.80 20.41
N ASP A 101 -15.17 16.01 20.00
CA ASP A 101 -14.52 17.30 20.21
C ASP A 101 -14.74 18.27 19.04
N GLY A 102 -15.63 17.91 18.13
CA GLY A 102 -15.95 18.81 17.02
C GLY A 102 -14.95 18.75 15.88
N SER A 103 -13.96 17.86 15.99
CA SER A 103 -13.06 17.61 14.86
C SER A 103 -13.51 16.37 14.08
N GLU A 104 -12.93 16.20 12.90
CA GLU A 104 -13.32 15.13 11.99
C GLU A 104 -12.11 14.51 11.35
N LEU A 105 -12.17 13.20 11.11
CA LEU A 105 -11.22 12.52 10.24
C LEU A 105 -11.94 12.33 8.91
N ARG A 106 -11.42 12.93 7.84
CA ARG A 106 -12.10 12.87 6.57
C ARG A 106 -11.32 12.07 5.54
N TYR A 107 -12.04 11.23 4.81
CA TYR A 107 -11.45 10.48 3.72
C TYR A 107 -11.90 11.06 2.37
N ARG A 108 -10.93 11.51 1.58
N ARG A 108 -10.95 11.51 1.56
CA ARG A 108 -11.18 12.04 0.24
CA ARG A 108 -11.29 12.03 0.24
C ARG A 108 -10.58 11.12 -0.80
C ARG A 108 -10.49 11.33 -0.87
N ASP A 109 -11.15 11.12 -1.99
CA ASP A 109 -10.61 10.30 -3.07
C ASP A 109 -11.26 10.68 -4.39
N VAL A 110 -10.55 11.44 -5.22
CA VAL A 110 -11.08 11.84 -6.52
C VAL A 110 -11.51 10.60 -7.33
N ARG A 111 -10.79 9.50 -7.14
CA ARG A 111 -11.01 8.29 -7.94
C ARG A 111 -12.05 7.36 -7.30
N LYS A 112 -12.41 7.65 -6.05
CA LYS A 112 -13.38 6.80 -5.35
C LYS A 112 -12.95 5.36 -5.35
N PHE A 113 -11.66 5.11 -5.20
CA PHE A 113 -11.13 3.77 -5.39
C PHE A 113 -10.79 3.05 -4.10
N GLY A 114 -10.73 3.78 -3.00
CA GLY A 114 -10.32 3.20 -1.74
C GLY A 114 -11.35 2.28 -1.13
N THR A 115 -10.94 1.55 -0.09
CA THR A 115 -11.83 0.61 0.58
C THR A 115 -11.72 0.74 2.09
N MET A 116 -12.81 0.43 2.78
CA MET A 116 -12.83 0.34 4.24
C MET A 116 -13.52 -0.94 4.71
N HIS A 117 -12.89 -1.64 5.66
CA HIS A 117 -13.45 -2.84 6.28
C HIS A 117 -13.38 -2.64 7.79
N VAL A 118 -14.46 -2.95 8.50
CA VAL A 118 -14.42 -2.95 9.97
C VAL A 118 -14.77 -4.33 10.53
N TYR A 119 -13.93 -4.82 11.45
CA TYR A 119 -14.18 -6.08 12.16
C TYR A 119 -13.77 -5.90 13.61
N ALA A 120 -14.27 -6.75 14.49
CA ALA A 120 -13.70 -6.84 15.83
C ALA A 120 -12.18 -6.99 15.65
N LYS A 121 -11.41 -6.29 16.50
CA LYS A 121 -9.95 -6.30 16.40
C LYS A 121 -9.36 -7.67 16.17
N GLU A 122 -9.77 -8.61 17.01
CA GLU A 122 -9.18 -9.95 17.02
C GLU A 122 -9.42 -10.72 15.73
N GLU A 123 -10.33 -10.22 14.90
CA GLU A 123 -10.68 -10.88 13.65
C GLU A 123 -9.99 -10.27 12.44
N ALA A 124 -9.57 -9.01 12.56
CA ALA A 124 -9.08 -8.25 11.42
C ALA A 124 -7.96 -8.96 10.64
N ASP A 125 -7.01 -9.54 11.35
CA ASP A 125 -5.85 -10.15 10.70
C ASP A 125 -6.18 -11.43 9.95
N ARG A 126 -7.34 -12.04 10.23
CA ARG A 126 -7.69 -13.28 9.55
C ARG A 126 -8.86 -13.13 8.58
N ARG A 127 -9.19 -11.88 8.27
CA ARG A 127 -10.27 -11.57 7.34
C ARG A 127 -9.70 -10.70 6.23
N PRO A 128 -10.44 -10.60 5.11
CA PRO A 128 -9.98 -9.66 4.08
C PRO A 128 -10.11 -8.22 4.57
N PRO A 129 -9.23 -7.34 4.11
CA PRO A 129 -8.21 -7.59 3.10
C PRO A 129 -6.82 -7.96 3.65
N LEU A 130 -6.71 -8.16 4.96
CA LEU A 130 -5.40 -8.43 5.58
C LEU A 130 -5.03 -9.90 5.52
N ALA A 131 -6.04 -10.76 5.42
CA ALA A 131 -5.80 -12.19 5.31
C ALA A 131 -4.94 -12.47 4.08
N GLU A 132 -3.92 -13.30 4.27
CA GLU A 132 -3.05 -13.73 3.16
C GLU A 132 -1.97 -12.71 2.78
N LEU A 133 -2.01 -11.54 3.40
CA LEU A 133 -1.00 -10.52 3.14
C LEU A 133 0.41 -11.05 3.48
N GLY A 134 1.33 -10.90 2.53
CA GLY A 134 2.70 -11.34 2.73
C GLY A 134 3.43 -10.51 3.76
N PRO A 135 4.69 -10.88 4.05
CA PRO A 135 5.49 -10.23 5.08
C PRO A 135 5.88 -8.81 4.69
N GLU A 136 6.15 -7.98 5.68
CA GLU A 136 6.66 -6.63 5.44
C GLU A 136 8.01 -6.72 4.73
N PRO A 137 8.20 -5.89 3.68
CA PRO A 137 9.47 -5.96 2.94
C PRO A 137 10.66 -5.57 3.79
N LEU A 138 10.43 -4.79 4.83
CA LEU A 138 11.52 -4.35 5.71
C LEU A 138 11.70 -5.23 6.93
N SER A 139 10.97 -6.33 7.00
CA SER A 139 11.07 -7.24 8.13
C SER A 139 11.94 -8.44 7.79
N PRO A 140 12.56 -9.06 8.82
CA PRO A 140 13.35 -10.28 8.61
C PRO A 140 12.49 -11.39 8.03
N ALA A 141 11.17 -11.32 8.21
CA ALA A 141 10.25 -12.30 7.65
C ALA A 141 10.32 -12.31 6.12
N PHE A 142 10.68 -11.18 5.53
CA PHE A 142 10.90 -11.14 4.09
C PHE A 142 12.39 -11.34 3.81
N SER A 143 12.73 -12.54 3.36
CA SER A 143 14.13 -12.91 3.18
C SER A 143 14.38 -13.43 1.77
N PRO A 144 15.66 -13.48 1.36
CA PRO A 144 16.00 -14.09 0.08
C PRO A 144 15.42 -15.50 -0.02
N ALA A 145 15.48 -16.25 1.09
CA ALA A 145 14.96 -17.61 1.10
C ALA A 145 13.46 -17.65 0.79
N VAL A 146 12.70 -16.76 1.42
CA VAL A 146 11.27 -16.71 1.20
C VAL A 146 10.96 -16.34 -0.25
N LEU A 147 11.74 -15.39 -0.76
CA LEU A 147 11.57 -14.94 -2.13
C LEU A 147 11.94 -16.06 -3.12
N ALA A 148 13.06 -16.72 -2.86
CA ALA A 148 13.50 -17.83 -3.70
C ALA A 148 12.45 -18.93 -3.78
N GLU A 149 11.78 -19.19 -2.67
CA GLU A 149 10.79 -20.28 -2.61
C GLU A 149 9.55 -19.98 -3.44
N ARG A 150 9.12 -18.73 -3.45
CA ARG A 150 7.96 -18.34 -4.25
C ARG A 150 8.33 -18.28 -5.73
N ALA A 151 9.59 -17.90 -6.01
CA ALA A 151 10.05 -17.76 -7.38
C ALA A 151 10.10 -19.09 -8.12
N VAL A 152 10.60 -20.12 -7.45
CA VAL A 152 10.79 -21.41 -8.09
C VAL A 152 9.48 -22.12 -8.40
N LYS A 153 8.45 -21.81 -7.61
CA LYS A 153 7.18 -22.53 -7.70
C LYS A 153 6.21 -21.97 -8.74
N THR A 154 6.56 -20.84 -9.36
CA THR A 154 5.63 -20.19 -10.28
C THR A 154 6.12 -20.13 -11.72
N LYS A 155 5.18 -19.94 -12.64
CA LYS A 155 5.49 -19.79 -14.06
C LYS A 155 5.47 -18.32 -14.46
N ARG A 156 5.09 -17.47 -13.51
CA ARG A 156 4.90 -16.04 -13.75
CA ARG A 156 4.90 -16.05 -13.78
C ARG A 156 6.23 -15.31 -13.91
N SER A 157 6.17 -14.09 -14.43
CA SER A 157 7.35 -13.25 -14.55
C SER A 157 7.78 -12.79 -13.16
N VAL A 158 9.02 -12.33 -13.05
CA VAL A 158 9.50 -11.85 -11.76
C VAL A 158 8.72 -10.62 -11.31
N LYS A 159 8.32 -9.78 -12.27
CA LYS A 159 7.52 -8.61 -11.95
C LYS A 159 6.14 -8.98 -11.41
N ALA A 160 5.50 -9.96 -12.04
CA ALA A 160 4.22 -10.45 -11.55
C ALA A 160 4.36 -10.93 -10.12
N LEU A 161 5.48 -11.61 -9.84
CA LEU A 161 5.74 -12.15 -8.52
C LEU A 161 5.83 -11.06 -7.46
N LEU A 162 6.60 -10.02 -7.75
CA LEU A 162 6.81 -8.95 -6.78
C LEU A 162 5.55 -8.14 -6.53
N LEU A 163 4.64 -8.15 -7.52
CA LEU A 163 3.37 -7.41 -7.39
C LEU A 163 2.35 -8.20 -6.57
N ASP A 164 2.66 -9.45 -6.26
CA ASP A 164 1.73 -10.32 -5.56
C ASP A 164 1.73 -9.98 -4.06
N CYS A 165 0.61 -9.47 -3.56
CA CYS A 165 0.51 -9.05 -2.16
C CYS A 165 0.76 -10.20 -1.18
N THR A 166 0.62 -11.44 -1.64
CA THR A 166 0.87 -12.59 -0.78
C THR A 166 2.36 -12.92 -0.69
N VAL A 167 3.13 -12.41 -1.65
CA VAL A 167 4.57 -12.64 -1.66
C VAL A 167 5.27 -11.67 -0.72
N VAL A 168 4.93 -10.39 -0.87
CA VAL A 168 5.50 -9.34 -0.04
C VAL A 168 4.48 -8.20 0.01
N ALA A 169 4.37 -7.56 1.17
CA ALA A 169 3.25 -6.63 1.42
C ALA A 169 3.46 -5.23 0.84
N GLY A 170 2.57 -4.83 -0.07
CA GLY A 170 2.48 -3.45 -0.51
C GLY A 170 3.62 -2.93 -1.37
N PHE A 171 4.29 -3.82 -2.09
CA PHE A 171 5.35 -3.41 -2.99
C PHE A 171 4.74 -2.95 -4.31
N GLY A 172 4.67 -1.64 -4.50
CA GLY A 172 3.95 -1.07 -5.63
C GLY A 172 4.67 -1.12 -6.96
N ASN A 173 3.95 -0.80 -8.03
CA ASN A 173 4.47 -0.84 -9.38
C ASN A 173 5.77 -0.07 -9.53
N ILE A 174 5.82 1.13 -8.95
CA ILE A 174 7.00 1.97 -9.06
C ILE A 174 8.25 1.33 -8.43
N TYR A 175 8.08 0.76 -7.24
CA TYR A 175 9.22 0.16 -6.55
C TYR A 175 9.64 -1.16 -7.17
N VAL A 176 8.70 -1.89 -7.76
CA VAL A 176 9.04 -3.10 -8.51
C VAL A 176 9.99 -2.77 -9.67
N ASP A 177 9.61 -1.82 -10.51
CA ASP A 177 10.45 -1.43 -11.64
C ASP A 177 11.81 -0.89 -11.18
N GLU A 178 11.79 -0.03 -10.16
CA GLU A 178 13.04 0.53 -9.65
C GLU A 178 13.96 -0.54 -9.08
N SER A 179 13.41 -1.44 -8.29
CA SER A 179 14.21 -2.52 -7.67
C SER A 179 14.81 -3.45 -8.72
N LEU A 180 14.00 -3.78 -9.73
CA LEU A 180 14.47 -4.66 -10.80
C LEU A 180 15.60 -4.00 -11.59
N PHE A 181 15.49 -2.70 -11.81
CA PHE A 181 16.59 -1.99 -12.48
C PHE A 181 17.86 -2.04 -11.63
N ARG A 182 17.71 -1.73 -10.34
CA ARG A 182 18.86 -1.68 -9.45
C ARG A 182 19.50 -3.05 -9.29
N ALA A 183 18.68 -4.09 -9.44
CA ALA A 183 19.17 -5.46 -9.36
C ALA A 183 19.71 -5.97 -10.70
N GLY A 184 19.45 -5.24 -11.77
CA GLY A 184 19.94 -5.61 -13.10
C GLY A 184 19.19 -6.78 -13.71
N ILE A 185 17.90 -6.85 -13.42
CA ILE A 185 17.06 -7.99 -13.84
C ILE A 185 15.88 -7.50 -14.68
N LEU A 186 15.70 -8.07 -15.86
CA LEU A 186 14.56 -7.71 -16.71
C LEU A 186 13.25 -8.10 -16.06
N PRO A 187 12.24 -7.21 -16.12
CA PRO A 187 10.95 -7.43 -15.45
C PRO A 187 10.18 -8.63 -16.03
N GLY A 188 10.42 -8.93 -17.31
CA GLY A 188 9.73 -10.01 -17.97
C GLY A 188 10.37 -11.38 -17.80
N ARG A 189 11.52 -11.42 -17.14
CA ARG A 189 12.19 -12.67 -16.83
C ARG A 189 11.24 -13.58 -16.06
N PRO A 190 11.19 -14.87 -16.43
CA PRO A 190 10.45 -15.81 -15.59
C PRO A 190 11.05 -15.81 -14.19
N ALA A 191 10.21 -15.75 -13.17
CA ALA A 191 10.68 -15.74 -11.79
C ALA A 191 11.57 -16.94 -11.49
N ALA A 192 11.22 -18.08 -12.05
CA ALA A 192 11.95 -19.33 -11.83
C ALA A 192 13.31 -19.34 -12.52
N SER A 193 13.53 -18.38 -13.41
CA SER A 193 14.78 -18.33 -14.18
C SER A 193 15.87 -17.61 -13.39
N LEU A 194 15.49 -16.95 -12.31
CA LEU A 194 16.45 -16.20 -11.49
C LEU A 194 17.39 -17.14 -10.74
N SER A 195 18.69 -16.89 -10.87
CA SER A 195 19.69 -17.66 -10.14
C SER A 195 19.61 -17.32 -8.66
N SER A 196 20.30 -18.09 -7.84
CA SER A 196 20.38 -17.81 -6.42
C SER A 196 20.99 -16.43 -6.19
N LYS A 197 22.00 -16.10 -7.00
CA LYS A 197 22.68 -14.82 -6.92
C LYS A 197 21.74 -13.66 -7.27
N GLU A 198 20.91 -13.85 -8.28
CA GLU A 198 19.96 -12.81 -8.70
C GLU A 198 18.89 -12.61 -7.65
N ILE A 199 18.48 -13.69 -6.99
CA ILE A 199 17.48 -13.58 -5.93
C ILE A 199 18.01 -12.76 -4.76
N GLU A 200 19.23 -13.07 -4.32
CA GLU A 200 19.86 -12.32 -3.24
C GLU A 200 20.01 -10.85 -3.59
N ARG A 201 20.43 -10.60 -4.83
CA ARG A 201 20.61 -9.23 -5.31
C ARG A 201 19.26 -8.49 -5.36
N LEU A 202 18.23 -9.17 -5.86
CA LEU A 202 16.90 -8.57 -5.95
C LEU A 202 16.34 -8.25 -4.56
N HIS A 203 16.46 -9.20 -3.63
CA HIS A 203 16.01 -8.94 -2.27
C HIS A 203 16.73 -7.74 -1.69
N GLU A 204 18.04 -7.68 -1.89
CA GLU A 204 18.86 -6.60 -1.38
C GLU A 204 18.38 -5.25 -1.90
N GLU A 205 18.12 -5.17 -3.20
CA GLU A 205 17.70 -3.92 -3.81
C GLU A 205 16.26 -3.56 -3.43
N MET A 206 15.40 -4.56 -3.26
CA MET A 206 14.03 -4.30 -2.83
C MET A 206 14.03 -3.65 -1.46
N VAL A 207 14.82 -4.19 -0.55
CA VAL A 207 14.91 -3.66 0.80
C VAL A 207 15.51 -2.25 0.79
N ALA A 208 16.58 -2.08 0.00
CA ALA A 208 17.26 -0.80 -0.09
C ALA A 208 16.35 0.26 -0.72
N THR A 209 15.62 -0.11 -1.75
CA THR A 209 14.77 0.83 -2.46
C THR A 209 13.65 1.32 -1.56
N ILE A 210 12.95 0.39 -0.93
CA ILE A 210 11.81 0.74 -0.10
C ILE A 210 12.30 1.39 1.19
N GLY A 211 13.41 0.88 1.72
CA GLY A 211 13.99 1.40 2.95
C GLY A 211 14.45 2.84 2.85
N GLU A 212 15.12 3.17 1.74
CA GLU A 212 15.55 4.54 1.50
C GLU A 212 14.35 5.49 1.46
N ALA A 213 13.29 5.06 0.79
CA ALA A 213 12.09 5.89 0.64
C ALA A 213 11.38 6.11 1.98
N VAL A 214 11.36 5.07 2.81
CA VAL A 214 10.71 5.17 4.12
C VAL A 214 11.40 6.17 5.02
N MET A 215 12.73 6.22 4.93
CA MET A 215 13.51 7.16 5.73
C MET A 215 13.41 8.59 5.20
N HIS A 237 15.60 9.96 -6.36
CA HIS A 237 15.19 10.03 -7.75
C HIS A 237 14.81 8.66 -8.31
N LEU A 238 14.31 8.65 -9.53
CA LEU A 238 13.92 7.42 -10.20
C LEU A 238 14.89 7.09 -11.33
N TYR A 239 15.20 5.82 -11.50
CA TYR A 239 16.07 5.37 -12.58
C TYR A 239 15.29 5.05 -13.85
N VAL A 240 14.09 4.50 -13.70
CA VAL A 240 13.35 4.05 -14.87
C VAL A 240 11.87 4.43 -14.91
N TYR A 241 11.21 4.42 -13.76
CA TYR A 241 9.77 4.63 -13.75
C TYR A 241 9.36 5.97 -14.35
N GLY A 242 8.55 5.91 -15.40
CA GLY A 242 8.09 7.10 -16.09
C GLY A 242 9.17 7.82 -16.90
N ARG A 243 10.31 7.17 -17.09
CA ARG A 243 11.43 7.80 -17.77
C ARG A 243 11.64 7.30 -19.19
N GLN A 244 10.62 6.66 -19.76
CA GLN A 244 10.75 6.08 -21.09
C GLN A 244 11.14 7.15 -22.11
N GLY A 245 12.02 6.78 -23.03
CA GLY A 245 12.52 7.70 -24.02
C GLY A 245 13.70 8.52 -23.54
N ASN A 246 13.90 8.55 -22.22
CA ASN A 246 15.02 9.28 -21.63
C ASN A 246 16.22 8.38 -21.39
N PRO A 247 17.42 8.96 -21.33
CA PRO A 247 18.66 8.21 -21.14
C PRO A 247 18.72 7.55 -19.77
N CYS A 248 19.13 6.28 -19.73
CA CYS A 248 19.43 5.63 -18.47
C CYS A 248 20.50 6.43 -17.73
N LYS A 249 20.32 6.60 -16.43
CA LYS A 249 21.24 7.39 -15.62
C LYS A 249 22.56 6.67 -15.37
N ARG A 250 22.60 5.37 -15.65
N ARG A 250 22.59 5.37 -15.66
CA ARG A 250 23.80 4.57 -15.43
CA ARG A 250 23.79 4.56 -15.44
C ARG A 250 24.58 4.28 -16.72
C ARG A 250 24.57 4.30 -16.72
N CYS A 251 23.87 4.14 -17.84
CA CYS A 251 24.53 3.79 -19.10
C CYS A 251 24.16 4.64 -20.31
N GLY A 252 23.15 5.48 -20.18
CA GLY A 252 22.76 6.39 -21.25
C GLY A 252 21.84 5.80 -22.31
N THR A 253 21.58 4.50 -22.22
CA THR A 253 20.65 3.83 -23.13
C THR A 253 19.22 4.32 -22.86
N PRO A 254 18.45 4.61 -23.92
CA PRO A 254 17.07 5.07 -23.69
C PRO A 254 16.24 4.06 -22.90
N ILE A 255 15.56 4.53 -21.87
CA ILE A 255 14.66 3.70 -21.10
C ILE A 255 13.48 3.33 -21.99
N GLU A 256 13.01 2.09 -21.86
CA GLU A 256 11.90 1.62 -22.66
C GLU A 256 10.72 1.30 -21.76
N LYS A 257 9.53 1.27 -22.34
CA LYS A 257 8.32 0.96 -21.59
C LYS A 257 7.50 -0.08 -22.34
N THR A 258 7.05 -1.10 -21.64
CA THR A 258 6.19 -2.11 -22.21
C THR A 258 5.08 -2.45 -21.23
N VAL A 259 4.28 -3.46 -21.56
CA VAL A 259 3.29 -3.98 -20.63
C VAL A 259 3.73 -5.35 -20.13
N VAL A 260 3.94 -5.45 -18.82
CA VAL A 260 4.26 -6.72 -18.19
C VAL A 260 3.36 -6.89 -16.98
N ALA A 261 2.80 -8.09 -16.82
CA ALA A 261 1.89 -8.36 -15.72
C ALA A 261 0.71 -7.39 -15.72
N GLY A 262 0.33 -6.92 -16.91
CA GLY A 262 -0.81 -6.04 -17.07
C GLY A 262 -0.60 -4.62 -16.57
N ARG A 263 0.66 -4.18 -16.49
CA ARG A 263 0.96 -2.84 -16.01
C ARG A 263 2.06 -2.15 -16.82
N GLY A 264 2.09 -0.82 -16.74
CA GLY A 264 3.17 -0.07 -17.34
C GLY A 264 4.48 -0.54 -16.73
N THR A 265 5.44 -0.88 -17.58
CA THR A 265 6.69 -1.47 -17.11
C THR A 265 7.89 -0.80 -17.76
N HIS A 266 8.79 -0.29 -16.93
CA HIS A 266 9.89 0.53 -17.39
C HIS A 266 11.22 -0.15 -17.08
N TYR A 267 12.14 -0.13 -18.04
CA TYR A 267 13.40 -0.82 -17.85
C TYR A 267 14.49 -0.30 -18.80
N CYS A 268 15.73 -0.55 -18.44
CA CYS A 268 16.86 -0.30 -19.33
C CYS A 268 17.30 -1.62 -19.93
N PRO A 269 17.23 -1.73 -21.26
CA PRO A 269 17.56 -3.00 -21.92
C PRO A 269 19.05 -3.33 -21.89
N ARG A 270 19.89 -2.40 -21.44
CA ARG A 270 21.33 -2.70 -21.31
C ARG A 270 21.71 -3.10 -19.89
N CYS A 271 21.27 -2.32 -18.90
CA CYS A 271 21.57 -2.61 -17.50
C CYS A 271 20.86 -3.85 -16.98
N GLN A 272 19.67 -4.14 -17.50
CA GLN A 272 18.90 -5.27 -17.00
C GLN A 272 18.96 -6.44 -17.97
N ARG A 273 19.13 -7.63 -17.44
CA ARG A 273 19.29 -8.84 -18.25
C ARG A 273 18.31 -9.94 -17.86
P 8OG C 8 0.26 1.83 -14.87
OP1 8OG C 8 1.73 1.92 -14.99
OP2 8OG C 8 -0.41 0.55 -15.17
O5' 8OG C 8 -0.15 2.27 -13.38
C5' 8OG C 8 -0.09 1.35 -12.31
C4' 8OG C 8 -1.02 1.75 -11.18
O4' 8OG C 8 -2.31 2.14 -11.73
C3' 8OG C 8 -1.31 0.65 -10.17
O3' 8OG C 8 -0.43 0.83 -9.07
C2' 8OG C 8 -2.77 0.85 -9.78
C1' 8OG C 8 -3.35 1.75 -10.87
N9 8OG C 8 -4.41 1.14 -11.67
C8 8OG C 8 -4.35 -0.05 -12.37
N7 8OG C 8 -5.50 -0.26 -12.96
C5 8OG C 8 -6.35 0.81 -12.66
C6 8OG C 8 -7.69 1.08 -13.04
O6 8OG C 8 -8.45 0.41 -13.75
N1 8OG C 8 -8.13 2.28 -12.48
C2 8OG C 8 -7.38 3.10 -11.68
N2 8OG C 8 -7.97 4.22 -11.24
N3 8OG C 8 -6.12 2.84 -11.33
C4 8OG C 8 -5.67 1.68 -11.85
O8 8OG C 8 -3.36 -0.78 -12.42
P 08Q C 11 -6.56 -8.33 -1.14
OP1 08Q C 11 -6.86 -9.02 -2.40
C8' 08Q C 11 -3.36 -9.40 0.97
C7' 08Q C 11 -4.36 -8.45 0.30
C5' 08Q C 11 -9.13 -7.67 -0.71
O5' 08Q C 11 -7.88 -8.29 -0.22
C4' 08Q C 11 -9.90 -8.37 -1.94
O4' 08Q C 11 -9.03 -8.36 -3.21
C3' 08Q C 11 -10.69 -9.45 -2.45
O3' 08Q C 11 -11.92 -9.50 -1.72
C2' 08Q C 11 -11.00 -9.15 -3.99
C1' 08Q C 11 -9.71 -9.12 -4.30
N1 08Q C 11 -8.98 -8.95 -5.54
C2 08Q C 11 -9.69 -8.66 -6.74
O2 08Q C 11 -10.90 -8.48 -6.71
N3 08Q C 11 -9.01 -8.56 -7.94
C4 08Q C 11 -7.63 -8.76 -7.97
N4 08Q C 11 -5.43 -9.23 -0.34
O4 08Q C 11 -7.01 -8.66 -9.04
C5 08Q C 11 -6.94 -9.07 -6.81
C7 08Q C 11 -5.43 -9.30 -6.85
C6 08Q C 11 -7.61 -9.19 -5.60
S 08Q C 11 -2.58 -10.55 -0.24
ZN ZN D . 21.22 1.38 -18.32
#